data_5DZ0
#
_entry.id   5DZ0
#
_cell.length_a   54.084
_cell.length_b   81.000
_cell.length_c   58.005
_cell.angle_alpha   90.00
_cell.angle_beta   109.98
_cell.angle_gamma   90.00
#
_symmetry.space_group_name_H-M   'P 1 21 1'
#
loop_
_entity.id
_entity.type
_entity.pdbx_description
1 polymer 'Estrogen receptor'
2 polymer 'Nuclear receptor coactivator 2'
3 non-polymer "4,4'-[(4-methylcyclohexylidene)methanediyl]diphenol"
4 water water
#
loop_
_entity_poly.entity_id
_entity_poly.type
_entity_poly.pdbx_seq_one_letter_code
_entity_poly.pdbx_strand_id
1 'polypeptide(L)'
;IKRSKKNSLALSLTADQMVSALLDAEPPILYSEYDPTRPFSEASMMGLLTNLADRELVHMINWAKRVPGFVDLTLHDQVH
LLECAWLEILMIGLVWRSMEHPGKLLFAPNLLLDRNQGKCVEGMVEIFDMLLATSSRFRMMNLQGEEFVCLKSIILLNSG
VYTFLSSTLKSLEEKDHIHRVLDKITDTLIHLMAKAGLTLQQQHQRLAQLLLILSHIRHMSNKGMEHLYSMKCKNVVPLS
DLLLEMLDAHRLHAPTS
;
A,B
2 'polypeptide(L)' KHKILHRLLQDSSS C,D
#
loop_
_chem_comp.id
_chem_comp.type
_chem_comp.name
_chem_comp.formula
5K0 non-polymer 4,4'-[(4-methylcyclohexylidene)methanediyl]diphenol 'C20 H22 O2'
#
# COMPACT_ATOMS: atom_id res chain seq x y z
N ASN A 7 23.44 9.30 -18.08
CA ASN A 7 23.40 8.94 -16.67
C ASN A 7 22.82 10.04 -15.80
N SER A 8 22.27 9.66 -14.66
CA SER A 8 21.62 10.61 -13.76
C SER A 8 22.53 11.09 -12.65
N LEU A 9 22.37 12.36 -12.27
CA LEU A 9 23.13 12.96 -11.18
C LEU A 9 22.79 12.35 -9.83
N ALA A 10 21.54 11.88 -9.71
CA ALA A 10 21.03 11.31 -8.47
C ALA A 10 21.89 10.16 -7.95
N LEU A 11 22.39 9.33 -8.86
CA LEU A 11 23.16 8.16 -8.46
C LEU A 11 24.59 8.51 -8.10
N SER A 12 25.03 9.69 -8.48
CA SER A 12 26.39 10.14 -8.17
C SER A 12 26.45 10.92 -6.86
N LEU A 13 25.28 11.20 -6.29
CA LEU A 13 25.20 11.92 -5.02
C LEU A 13 25.63 11.04 -3.85
N THR A 14 26.23 11.65 -2.84
CA THR A 14 26.52 10.94 -1.60
C THR A 14 25.24 10.89 -0.77
N ALA A 15 25.27 10.12 0.32
CA ALA A 15 24.11 10.01 1.19
C ALA A 15 23.72 11.38 1.76
N ASP A 16 24.70 12.08 2.32
CA ASP A 16 24.47 13.41 2.88
C ASP A 16 23.98 14.39 1.82
N GLN A 17 24.50 14.24 0.60
CA GLN A 17 24.05 15.07 -0.52
C GLN A 17 22.59 14.81 -0.84
N MET A 18 22.22 13.53 -0.83
CA MET A 18 20.83 13.13 -1.05
C MET A 18 19.93 13.71 0.03
N VAL A 19 20.33 13.51 1.28
CA VAL A 19 19.59 14.06 2.43
C VAL A 19 19.42 15.57 2.31
N SER A 20 20.53 16.26 2.05
CA SER A 20 20.52 17.72 1.91
C SER A 20 19.65 18.18 0.73
N ALA A 21 19.66 17.42 -0.35
CA ALA A 21 18.82 17.76 -1.50
C ALA A 21 17.34 17.63 -1.16
N LEU A 22 17.00 16.56 -0.46
CA LEU A 22 15.62 16.32 -0.05
C LEU A 22 15.14 17.35 0.96
N LEU A 23 16.00 17.67 1.93
CA LEU A 23 15.67 18.67 2.93
C LEU A 23 15.46 20.04 2.28
N ASP A 24 16.26 20.35 1.27
CA ASP A 24 16.18 21.64 0.60
C ASP A 24 14.95 21.73 -0.31
N ALA A 25 14.46 20.58 -0.76
CA ALA A 25 13.31 20.54 -1.67
C ALA A 25 11.97 20.64 -0.92
N GLU A 26 12.03 20.50 0.40
CA GLU A 26 10.81 20.50 1.22
C GLU A 26 9.92 21.69 0.96
N PRO A 27 8.63 21.42 0.69
CA PRO A 27 7.64 22.49 0.58
C PRO A 27 7.33 23.06 1.94
N PRO A 28 6.79 24.29 2.00
CA PRO A 28 6.42 24.87 3.29
C PRO A 28 5.14 24.31 3.86
N ILE A 29 4.95 24.48 5.16
CA ILE A 29 3.68 24.17 5.80
C ILE A 29 2.73 25.34 5.60
N LEU A 30 1.71 25.14 4.78
CA LEU A 30 0.79 26.22 4.43
C LEU A 30 -0.29 26.42 5.50
N TYR A 31 -0.93 27.58 5.47
CA TYR A 31 -2.03 27.86 6.38
C TYR A 31 -3.38 27.78 5.67
N SER A 32 -4.43 27.52 6.44
CA SER A 32 -5.78 27.55 5.92
C SER A 32 -6.33 28.97 6.03
N GLU A 33 -7.58 29.17 5.62
CA GLU A 33 -8.27 30.45 5.80
C GLU A 33 -8.29 30.80 7.29
N TYR A 34 -8.15 32.08 7.61
CA TYR A 34 -7.95 32.49 9.00
C TYR A 34 -9.24 32.79 9.75
N ASP A 35 -10.38 32.40 9.18
CA ASP A 35 -11.62 32.46 9.94
C ASP A 35 -11.59 31.31 10.94
N PRO A 36 -12.06 31.57 12.18
CA PRO A 36 -11.98 30.54 13.22
C PRO A 36 -12.89 29.35 12.92
N THR A 37 -14.12 29.40 13.42
CA THR A 37 -15.16 28.39 13.19
C THR A 37 -14.65 27.00 12.84
N ARG A 38 -14.44 26.17 13.85
CA ARG A 38 -14.06 24.79 13.63
C ARG A 38 -15.10 24.13 12.73
N PRO A 39 -14.69 23.67 11.54
CA PRO A 39 -15.60 23.10 10.55
C PRO A 39 -16.30 21.84 11.04
N PHE A 40 -17.60 21.74 10.79
CA PHE A 40 -18.36 20.55 11.14
C PHE A 40 -19.20 20.06 9.96
N SER A 41 -19.74 21.00 9.20
CA SER A 41 -20.50 20.63 8.01
C SER A 41 -19.57 20.08 6.93
N GLU A 42 -20.13 19.31 6.01
CA GLU A 42 -19.34 18.75 4.91
C GLU A 42 -18.88 19.86 3.98
N ALA A 43 -19.67 20.92 3.88
CA ALA A 43 -19.35 22.03 2.99
C ALA A 43 -18.15 22.83 3.50
N SER A 44 -18.18 23.24 4.76
CA SER A 44 -17.10 24.02 5.33
C SER A 44 -15.83 23.18 5.50
N MET A 45 -16.01 21.91 5.83
CA MET A 45 -14.89 20.98 5.98
C MET A 45 -14.12 20.80 4.68
N MET A 46 -14.80 20.28 3.67
CA MET A 46 -14.17 19.98 2.39
C MET A 46 -13.77 21.25 1.64
N GLY A 47 -14.46 22.35 1.90
CA GLY A 47 -14.10 23.63 1.32
C GLY A 47 -12.69 24.03 1.72
N LEU A 48 -12.41 23.99 3.03
CA LEU A 48 -11.10 24.35 3.55
C LEU A 48 -10.02 23.37 3.11
N LEU A 49 -10.36 22.08 3.08
CA LEU A 49 -9.39 21.05 2.73
C LEU A 49 -9.06 21.09 1.25
N THR A 50 -10.04 21.41 0.42
CA THR A 50 -9.85 21.51 -1.02
C THR A 50 -8.94 22.69 -1.36
N ASN A 51 -9.25 23.85 -0.80
CA ASN A 51 -8.45 25.04 -0.99
C ASN A 51 -7.01 24.83 -0.55
N LEU A 52 -6.84 24.22 0.61
CA LEU A 52 -5.52 23.93 1.16
C LEU A 52 -4.73 22.97 0.28
N ALA A 53 -5.34 21.84 -0.06
CA ALA A 53 -4.68 20.82 -0.88
C ALA A 53 -4.29 21.38 -2.23
N ASP A 54 -5.14 22.27 -2.73
CA ASP A 54 -4.89 22.90 -4.01
C ASP A 54 -3.60 23.72 -4.02
N ARG A 55 -3.39 24.49 -2.97
CA ARG A 55 -2.19 25.29 -2.85
C ARG A 55 -0.99 24.41 -2.54
N GLU A 56 -1.21 23.32 -1.81
CA GLU A 56 -0.15 22.37 -1.51
C GLU A 56 0.33 21.66 -2.77
N LEU A 57 -0.58 21.43 -3.71
CA LEU A 57 -0.23 20.70 -4.93
C LEU A 57 0.77 21.49 -5.80
N VAL A 58 0.67 22.81 -5.76
CA VAL A 58 1.59 23.65 -6.53
C VAL A 58 3.00 23.54 -5.94
N HIS A 59 3.09 23.48 -4.63
CA HIS A 59 4.38 23.28 -3.97
C HIS A 59 4.90 21.86 -4.18
N MET A 60 3.99 20.89 -4.17
CA MET A 60 4.37 19.50 -4.36
C MET A 60 5.03 19.30 -5.73
N ILE A 61 4.44 19.93 -6.74
CA ILE A 61 4.93 19.82 -8.11
C ILE A 61 6.36 20.35 -8.22
N ASN A 62 6.61 21.51 -7.63
CA ASN A 62 7.94 22.09 -7.68
C ASN A 62 8.91 21.37 -6.73
N TRP A 63 8.37 20.73 -5.70
CA TRP A 63 9.16 19.84 -4.85
C TRP A 63 9.65 18.63 -5.63
N ALA A 64 8.73 18.01 -6.37
CA ALA A 64 9.04 16.81 -7.16
C ALA A 64 10.17 17.05 -8.15
N LYS A 65 10.21 18.25 -8.73
CA LYS A 65 11.27 18.63 -9.65
C LYS A 65 12.64 18.66 -8.98
N ARG A 66 12.66 18.81 -7.67
CA ARG A 66 13.91 18.94 -6.94
C ARG A 66 14.28 17.63 -6.25
N VAL A 67 13.49 16.59 -6.51
CA VAL A 67 13.83 15.25 -6.06
C VAL A 67 14.80 14.64 -7.07
N PRO A 68 15.99 14.24 -6.59
CA PRO A 68 17.01 13.65 -7.46
C PRO A 68 16.48 12.47 -8.26
N GLY A 69 16.71 12.48 -9.57
CA GLY A 69 16.26 11.39 -10.43
C GLY A 69 14.93 11.65 -11.11
N PHE A 70 14.11 12.50 -10.51
CA PHE A 70 12.78 12.76 -11.03
C PHE A 70 12.83 13.55 -12.33
N VAL A 71 13.75 14.51 -12.40
CA VAL A 71 13.92 15.35 -13.58
C VAL A 71 14.34 14.55 -14.80
N ASP A 72 15.09 13.47 -14.57
CA ASP A 72 15.65 12.67 -15.65
C ASP A 72 14.57 11.87 -16.38
N LEU A 73 13.40 11.77 -15.77
CA LEU A 73 12.29 11.07 -16.37
C LEU A 73 11.64 11.94 -17.45
N THR A 74 10.98 11.31 -18.42
CA THR A 74 10.22 12.06 -19.41
C THR A 74 9.08 12.81 -18.71
N LEU A 75 8.59 13.86 -19.35
CA LEU A 75 7.51 14.65 -18.80
C LEU A 75 6.27 13.80 -18.53
N HIS A 76 5.98 12.87 -19.43
CA HIS A 76 4.81 12.03 -19.28
C HIS A 76 4.94 11.09 -18.10
N ASP A 77 6.15 10.59 -17.84
CA ASP A 77 6.39 9.74 -16.69
C ASP A 77 6.27 10.52 -15.40
N GLN A 78 6.73 11.77 -15.42
CA GLN A 78 6.60 12.63 -14.26
C GLN A 78 5.13 12.87 -13.94
N VAL A 79 4.34 13.11 -14.98
CA VAL A 79 2.90 13.29 -14.83
C VAL A 79 2.26 12.06 -14.21
N HIS A 80 2.57 10.89 -14.77
CA HIS A 80 2.01 9.63 -14.30
C HIS A 80 2.31 9.39 -12.82
N LEU A 81 3.56 9.60 -12.41
CA LEU A 81 3.95 9.39 -11.03
C LEU A 81 3.27 10.37 -10.08
N LEU A 82 3.12 11.61 -10.52
CA LEU A 82 2.47 12.63 -9.70
C LEU A 82 0.97 12.36 -9.57
N GLU A 83 0.33 12.05 -10.70
CA GLU A 83 -1.07 11.68 -10.70
C GLU A 83 -1.36 10.49 -9.78
N CYS A 84 -0.43 9.55 -9.75
CA CYS A 84 -0.62 8.33 -8.98
C CYS A 84 -0.44 8.54 -7.48
N ALA A 85 0.48 9.44 -7.12
CA ALA A 85 0.95 9.51 -5.75
C ALA A 85 0.49 10.75 -4.97
N TRP A 86 -0.16 11.70 -5.64
CA TRP A 86 -0.37 13.02 -5.05
C TRP A 86 -1.11 12.98 -3.70
N LEU A 87 -2.12 12.13 -3.58
CA LEU A 87 -2.86 12.06 -2.33
C LEU A 87 -2.04 11.34 -1.26
N GLU A 88 -1.26 10.34 -1.67
CA GLU A 88 -0.33 9.67 -0.76
C GLU A 88 0.65 10.67 -0.16
N ILE A 89 1.20 11.52 -1.01
CA ILE A 89 2.17 12.52 -0.59
C ILE A 89 1.55 13.56 0.34
N LEU A 90 0.34 14.01 0.03
CA LEU A 90 -0.36 14.95 0.89
C LEU A 90 -0.62 14.35 2.26
N MET A 91 -1.03 13.09 2.28
CA MET A 91 -1.38 12.41 3.52
C MET A 91 -0.19 12.12 4.41
N ILE A 92 0.95 11.75 3.82
CA ILE A 92 2.13 11.45 4.64
C ILE A 92 2.67 12.76 5.21
N GLY A 93 2.44 13.86 4.50
CA GLY A 93 2.75 15.18 5.03
C GLY A 93 1.85 15.51 6.20
N LEU A 94 0.55 15.31 6.02
CA LEU A 94 -0.43 15.54 7.07
C LEU A 94 -0.10 14.75 8.34
N VAL A 95 0.22 13.48 8.15
CA VAL A 95 0.52 12.58 9.25
C VAL A 95 1.81 13.01 9.97
N TRP A 96 2.83 13.38 9.19
CA TRP A 96 4.07 13.92 9.75
C TRP A 96 3.82 15.17 10.59
N ARG A 97 3.08 16.12 10.03
CA ARG A 97 2.73 17.36 10.72
C ARG A 97 1.97 17.10 12.01
N SER A 98 1.21 16.01 12.05
CA SER A 98 0.30 15.75 13.16
C SER A 98 0.94 14.88 14.23
N MET A 99 2.23 14.59 14.08
CA MET A 99 2.92 13.65 14.96
C MET A 99 2.83 14.02 16.43
N GLU A 100 3.22 15.25 16.73
CA GLU A 100 3.27 15.70 18.12
C GLU A 100 1.96 16.37 18.54
N HIS A 101 0.87 15.99 17.86
CA HIS A 101 -0.47 16.40 18.28
C HIS A 101 -1.40 15.18 18.28
N PRO A 102 -1.22 14.30 19.27
CA PRO A 102 -1.95 13.03 19.33
C PRO A 102 -3.47 13.21 19.37
N GLY A 103 -4.18 12.39 18.62
CA GLY A 103 -5.63 12.46 18.56
C GLY A 103 -6.12 13.57 17.67
N LYS A 104 -5.19 14.29 17.05
CA LYS A 104 -5.53 15.43 16.20
C LYS A 104 -4.83 15.37 14.85
N LEU A 105 -5.43 16.00 13.85
CA LEU A 105 -4.82 16.11 12.54
C LEU A 105 -4.49 17.57 12.25
N LEU A 106 -3.21 17.87 12.07
CA LEU A 106 -2.77 19.24 11.80
C LEU A 106 -2.72 19.48 10.29
N PHE A 107 -3.89 19.73 9.69
CA PHE A 107 -3.93 20.02 8.26
C PHE A 107 -3.17 21.31 7.99
N ALA A 108 -3.27 22.22 8.95
CA ALA A 108 -2.55 23.49 8.94
C ALA A 108 -2.39 23.95 10.38
N PRO A 109 -1.37 24.77 10.67
CA PRO A 109 -1.18 25.26 12.04
C PRO A 109 -2.42 25.94 12.60
N ASN A 110 -3.21 26.56 11.74
CA ASN A 110 -4.48 27.18 12.14
C ASN A 110 -5.69 26.32 11.76
N LEU A 111 -5.48 25.01 11.64
CA LEU A 111 -6.57 24.10 11.31
C LEU A 111 -6.29 22.70 11.87
N LEU A 112 -6.56 22.52 13.16
CA LEU A 112 -6.40 21.22 13.81
C LEU A 112 -7.75 20.53 13.98
N LEU A 113 -7.92 19.39 13.31
CA LEU A 113 -9.17 18.66 13.39
C LEU A 113 -9.03 17.40 14.24
N ASP A 114 -10.10 17.04 14.95
CA ASP A 114 -10.13 15.76 15.65
C ASP A 114 -11.17 14.86 15.00
N ARG A 115 -11.33 13.65 15.53
CA ARG A 115 -12.23 12.68 14.93
C ARG A 115 -13.69 13.09 15.11
N ASN A 116 -13.95 14.00 16.05
CA ASN A 116 -15.32 14.46 16.31
C ASN A 116 -15.87 15.32 15.18
N GLN A 117 -14.98 15.91 14.40
CA GLN A 117 -15.39 16.74 13.27
C GLN A 117 -15.53 15.91 12.00
N GLY A 118 -14.93 14.72 12.01
CA GLY A 118 -15.10 13.80 10.91
C GLY A 118 -16.40 13.02 11.02
N LYS A 119 -16.96 13.01 12.22
CA LYS A 119 -18.20 12.26 12.49
C LYS A 119 -19.41 12.86 11.80
N CYS A 120 -19.27 14.11 11.34
CA CYS A 120 -20.39 14.82 10.73
C CYS A 120 -20.34 14.73 9.22
N VAL A 121 -19.41 13.94 8.69
CA VAL A 121 -19.32 13.67 7.27
C VAL A 121 -19.21 12.17 7.01
N GLU A 122 -20.10 11.64 6.18
CA GLU A 122 -20.13 10.21 5.90
C GLU A 122 -18.84 9.71 5.26
N GLY A 123 -18.26 8.66 5.86
CA GLY A 123 -17.08 8.02 5.32
C GLY A 123 -15.78 8.72 5.64
N MET A 124 -15.86 9.84 6.37
CA MET A 124 -14.66 10.61 6.69
C MET A 124 -14.00 10.14 7.98
N VAL A 125 -14.81 9.87 9.00
CA VAL A 125 -14.26 9.52 10.31
C VAL A 125 -13.45 8.22 10.25
N GLU A 126 -13.77 7.36 9.29
CA GLU A 126 -13.01 6.14 9.09
C GLU A 126 -11.60 6.47 8.59
N ILE A 127 -11.51 7.38 7.63
CA ILE A 127 -10.23 7.79 7.08
C ILE A 127 -9.46 8.62 8.10
N PHE A 128 -10.18 9.43 8.87
CA PHE A 128 -9.55 10.21 9.94
C PHE A 128 -8.88 9.29 10.96
N ASP A 129 -9.59 8.23 11.37
CA ASP A 129 -9.05 7.30 12.35
C ASP A 129 -7.79 6.61 11.83
N MET A 130 -7.75 6.33 10.54
CA MET A 130 -6.59 5.69 9.91
C MET A 130 -5.39 6.63 9.89
N LEU A 131 -5.66 7.90 9.61
CA LEU A 131 -4.61 8.91 9.58
C LEU A 131 -4.06 9.15 10.98
N LEU A 132 -4.94 9.17 11.97
CA LEU A 132 -4.53 9.34 13.36
C LEU A 132 -3.67 8.18 13.84
N ALA A 133 -4.06 6.97 13.46
CA ALA A 133 -3.32 5.77 13.83
C ALA A 133 -1.93 5.77 13.20
N THR A 134 -1.85 6.20 11.94
CA THR A 134 -0.57 6.28 11.25
C THR A 134 0.31 7.33 11.93
N SER A 135 -0.32 8.42 12.35
CA SER A 135 0.38 9.51 13.00
C SER A 135 1.03 9.08 14.32
N SER A 136 0.25 8.41 15.16
CA SER A 136 0.78 7.94 16.43
C SER A 136 1.83 6.87 16.22
N ARG A 137 1.67 6.10 15.14
CA ARG A 137 2.65 5.07 14.79
C ARG A 137 4.00 5.69 14.47
N PHE A 138 3.98 6.76 13.66
CA PHE A 138 5.19 7.53 13.36
C PHE A 138 5.78 8.11 14.65
N ARG A 139 4.91 8.52 15.55
CA ARG A 139 5.34 9.13 16.80
C ARG A 139 6.04 8.11 17.71
N MET A 140 5.44 6.91 17.82
CA MET A 140 6.01 5.85 18.65
C MET A 140 7.35 5.36 18.11
N MET A 141 7.53 5.47 16.80
CA MET A 141 8.80 5.07 16.17
C MET A 141 9.83 6.18 16.20
N ASN A 142 9.43 7.34 16.68
N ASN A 142 9.44 7.35 16.68
CA ASN A 142 10.28 8.54 16.70
CA ASN A 142 10.31 8.52 16.70
C ASN A 142 10.84 8.85 15.32
C ASN A 142 10.85 8.85 15.31
N LEU A 143 9.94 8.91 14.33
CA LEU A 143 10.32 9.21 12.95
C LEU A 143 11.02 10.55 12.85
N GLN A 144 12.17 10.58 12.17
CA GLN A 144 12.93 11.81 12.01
C GLN A 144 12.65 12.45 10.66
N GLY A 145 12.78 13.78 10.60
CA GLY A 145 12.54 14.53 9.38
C GLY A 145 13.32 14.01 8.19
N GLU A 146 14.58 13.67 8.42
CA GLU A 146 15.44 13.11 7.39
C GLU A 146 14.89 11.78 6.87
N GLU A 147 14.26 11.01 7.76
CA GLU A 147 13.65 9.75 7.37
C GLU A 147 12.37 10.02 6.60
N PHE A 148 11.59 10.98 7.09
CA PHE A 148 10.34 11.36 6.48
C PHE A 148 10.51 11.76 5.01
N VAL A 149 11.45 12.65 4.72
CA VAL A 149 11.67 13.12 3.35
C VAL A 149 12.10 11.97 2.43
N CYS A 150 12.83 11.00 2.97
CA CYS A 150 13.18 9.82 2.19
C CYS A 150 11.93 9.02 1.83
N LEU A 151 11.07 8.81 2.81
CA LEU A 151 9.82 8.07 2.59
C LEU A 151 8.91 8.75 1.58
N LYS A 152 8.85 10.08 1.63
CA LYS A 152 7.99 10.82 0.72
C LYS A 152 8.50 10.72 -0.72
N SER A 153 9.82 10.79 -0.89
CA SER A 153 10.42 10.58 -2.21
C SER A 153 10.19 9.17 -2.71
N ILE A 154 10.26 8.20 -1.80
CA ILE A 154 10.02 6.81 -2.15
C ILE A 154 8.62 6.63 -2.73
N ILE A 155 7.65 7.23 -2.06
CA ILE A 155 6.26 7.19 -2.49
C ILE A 155 6.10 7.76 -3.90
N LEU A 156 6.74 8.89 -4.13
CA LEU A 156 6.69 9.56 -5.42
C LEU A 156 7.17 8.64 -6.55
N LEU A 157 8.29 7.97 -6.32
CA LEU A 157 8.94 7.19 -7.37
C LEU A 157 8.38 5.78 -7.50
N ASN A 158 7.79 5.26 -6.43
CA ASN A 158 7.37 3.86 -6.42
C ASN A 158 5.91 3.62 -6.77
N SER A 159 5.04 4.56 -6.41
CA SER A 159 3.61 4.29 -6.42
C SER A 159 3.07 3.97 -7.82
N GLY A 160 3.61 4.61 -8.84
CA GLY A 160 3.20 4.31 -10.21
C GLY A 160 4.33 3.77 -11.09
N VAL A 161 5.23 2.99 -10.50
CA VAL A 161 6.44 2.56 -11.20
C VAL A 161 6.27 1.22 -11.95
N TYR A 162 5.08 0.65 -11.89
CA TYR A 162 4.84 -0.63 -12.56
C TYR A 162 4.09 -0.49 -13.88
N THR A 163 3.49 0.67 -14.10
CA THR A 163 2.65 0.88 -15.29
C THR A 163 3.46 0.99 -16.57
N GLU A 173 14.21 1.89 -22.39
CA GLU A 173 14.56 1.14 -21.19
C GLU A 173 15.10 2.07 -20.11
N GLU A 174 14.19 2.66 -19.33
CA GLU A 174 14.56 3.60 -18.28
C GLU A 174 13.85 3.30 -16.97
N LYS A 175 13.20 2.14 -16.91
CA LYS A 175 12.57 1.68 -15.66
C LYS A 175 13.68 1.31 -14.68
N ASP A 176 14.81 0.88 -15.23
CA ASP A 176 16.00 0.59 -14.45
C ASP A 176 16.46 1.81 -13.67
N HIS A 177 16.23 2.99 -14.24
CA HIS A 177 16.63 4.25 -13.61
C HIS A 177 15.94 4.45 -12.27
N ILE A 178 14.61 4.46 -12.27
CA ILE A 178 13.85 4.63 -11.04
C ILE A 178 14.18 3.55 -10.02
N HIS A 179 14.32 2.32 -10.51
CA HIS A 179 14.70 1.19 -9.66
C HIS A 179 16.00 1.48 -8.92
N ARG A 180 16.99 2.00 -9.64
CA ARG A 180 18.29 2.30 -9.05
C ARG A 180 18.21 3.51 -8.13
N VAL A 181 17.37 4.48 -8.50
CA VAL A 181 17.17 5.65 -7.65
C VAL A 181 16.50 5.24 -6.34
N LEU A 182 15.50 4.37 -6.43
CA LEU A 182 14.84 3.82 -5.25
C LEU A 182 15.83 3.08 -4.35
N ASP A 183 16.75 2.35 -4.96
CA ASP A 183 17.81 1.69 -4.21
C ASP A 183 18.71 2.72 -3.54
N LYS A 184 18.98 3.81 -4.24
CA LYS A 184 19.79 4.89 -3.69
C LYS A 184 19.14 5.50 -2.45
N ILE A 185 17.83 5.68 -2.51
CA ILE A 185 17.11 6.22 -1.35
C ILE A 185 17.12 5.21 -0.20
N THR A 186 17.03 3.93 -0.52
CA THR A 186 17.16 2.88 0.49
C THR A 186 18.50 3.00 1.21
N ASP A 187 19.57 3.15 0.44
CA ASP A 187 20.91 3.35 1.00
C ASP A 187 20.95 4.59 1.89
N THR A 188 20.20 5.61 1.48
CA THR A 188 20.15 6.87 2.21
C THR A 188 19.46 6.69 3.55
N LEU A 189 18.35 5.97 3.56
CA LEU A 189 17.65 5.63 4.80
C LEU A 189 18.56 4.90 5.78
N ILE A 190 19.18 3.83 5.31
CA ILE A 190 20.10 3.04 6.13
C ILE A 190 21.22 3.91 6.69
N HIS A 191 21.80 4.74 5.83
CA HIS A 191 22.82 5.69 6.23
C HIS A 191 22.36 6.58 7.40
N LEU A 192 21.13 7.06 7.33
CA LEU A 192 20.58 7.90 8.40
C LEU A 192 20.45 7.14 9.70
N MET A 193 20.02 5.88 9.61
CA MET A 193 19.85 5.07 10.80
C MET A 193 21.19 4.68 11.41
N ALA A 194 22.17 4.41 10.56
CA ALA A 194 23.52 4.12 11.04
C ALA A 194 24.12 5.37 11.68
N LYS A 195 23.82 6.52 11.07
CA LYS A 195 24.25 7.81 11.59
C LYS A 195 23.65 8.07 12.97
N ALA A 196 22.43 7.59 13.17
CA ALA A 196 21.72 7.77 14.45
C ALA A 196 22.22 6.79 15.50
N GLY A 197 23.13 5.89 15.11
CA GLY A 197 23.77 4.98 16.05
C GLY A 197 23.07 3.65 16.21
N LEU A 198 22.18 3.32 15.28
CA LEU A 198 21.45 2.06 15.34
C LEU A 198 22.32 0.89 14.90
N THR A 199 22.07 -0.29 15.48
CA THR A 199 22.78 -1.50 15.09
C THR A 199 22.23 -2.02 13.77
N LEU A 200 22.99 -2.89 13.10
CA LEU A 200 22.56 -3.47 11.84
C LEU A 200 21.19 -4.13 11.95
N GLN A 201 20.94 -4.83 13.05
CA GLN A 201 19.65 -5.48 13.25
C GLN A 201 18.55 -4.44 13.45
N GLN A 202 18.85 -3.40 14.21
CA GLN A 202 17.91 -2.30 14.41
C GLN A 202 17.62 -1.57 13.10
N GLN A 203 18.63 -1.48 12.25
CA GLN A 203 18.50 -0.81 10.97
C GLN A 203 17.50 -1.51 10.04
N HIS A 204 17.71 -2.80 9.79
CA HIS A 204 16.83 -3.49 8.84
C HIS A 204 15.44 -3.73 9.43
N GLN A 205 15.34 -3.75 10.76
CA GLN A 205 14.04 -3.86 11.41
C GLN A 205 13.27 -2.55 11.30
N ARG A 206 13.97 -1.43 11.44
CA ARG A 206 13.34 -0.12 11.34
C ARG A 206 12.95 0.18 9.89
N LEU A 207 13.81 -0.24 8.96
CA LEU A 207 13.56 -0.05 7.54
C LEU A 207 12.27 -0.79 7.15
N ALA A 208 12.16 -2.03 7.60
CA ALA A 208 10.97 -2.82 7.35
C ALA A 208 9.71 -2.12 7.90
N GLN A 209 9.78 -1.67 9.15
CA GLN A 209 8.65 -1.05 9.80
C GLN A 209 8.18 0.20 9.05
N LEU A 210 9.12 1.05 8.66
CA LEU A 210 8.80 2.26 7.91
C LEU A 210 8.11 1.94 6.59
N LEU A 211 8.67 0.99 5.86
CA LEU A 211 8.17 0.68 4.52
C LEU A 211 6.80 0.00 4.53
N LEU A 212 6.52 -0.75 5.60
CA LEU A 212 5.21 -1.39 5.74
C LEU A 212 4.10 -0.35 5.92
N ILE A 213 4.44 0.77 6.51
CA ILE A 213 3.49 1.86 6.73
C ILE A 213 3.09 2.50 5.39
N LEU A 214 3.97 2.37 4.39
CA LEU A 214 3.68 2.86 3.05
C LEU A 214 2.50 2.11 2.42
N SER A 215 2.26 0.89 2.88
CA SER A 215 1.11 0.12 2.41
CA SER A 215 1.11 0.13 2.42
C SER A 215 -0.19 0.68 2.99
N HIS A 216 -0.10 1.25 4.19
CA HIS A 216 -1.26 1.83 4.84
C HIS A 216 -1.56 3.20 4.26
N ILE A 217 -0.49 3.95 3.99
CA ILE A 217 -0.60 5.24 3.32
C ILE A 217 -1.27 5.05 1.96
N ARG A 218 -0.81 4.05 1.21
CA ARG A 218 -1.46 3.69 -0.05
C ARG A 218 -2.95 3.42 0.14
N HIS A 219 -3.27 2.60 1.13
CA HIS A 219 -4.66 2.23 1.40
C HIS A 219 -5.51 3.47 1.73
N MET A 220 -4.97 4.35 2.55
CA MET A 220 -5.67 5.57 2.95
C MET A 220 -5.90 6.50 1.76
N SER A 221 -4.96 6.51 0.82
CA SER A 221 -5.07 7.32 -0.38
C SER A 221 -6.23 6.87 -1.26
N ASN A 222 -6.30 5.55 -1.50
CA ASN A 222 -7.37 4.99 -2.32
C ASN A 222 -8.74 5.19 -1.68
N LYS A 223 -8.81 5.06 -0.36
CA LYS A 223 -10.06 5.32 0.35
C LYS A 223 -10.39 6.81 0.30
N GLY A 224 -9.37 7.64 0.39
CA GLY A 224 -9.55 9.08 0.28
C GLY A 224 -10.02 9.46 -1.10
N MET A 225 -9.49 8.79 -2.10
CA MET A 225 -9.85 9.07 -3.49
C MET A 225 -11.32 8.78 -3.75
N GLU A 226 -11.81 7.68 -3.20
CA GLU A 226 -13.24 7.36 -3.25
C GLU A 226 -14.06 8.47 -2.62
N HIS A 227 -13.61 8.91 -1.45
CA HIS A 227 -14.28 9.97 -0.69
C HIS A 227 -14.34 11.27 -1.48
N LEU A 228 -13.26 11.59 -2.19
CA LEU A 228 -13.22 12.80 -2.99
C LEU A 228 -14.13 12.67 -4.20
N TYR A 229 -14.19 11.47 -4.76
CA TYR A 229 -15.05 11.21 -5.91
C TYR A 229 -16.51 11.38 -5.53
N SER A 230 -16.86 10.97 -4.32
CA SER A 230 -18.22 11.10 -3.82
C SER A 230 -18.64 12.56 -3.72
N MET A 231 -17.78 13.39 -3.14
CA MET A 231 -18.10 14.80 -2.94
C MET A 231 -18.13 15.53 -4.27
N LYS A 232 -17.38 15.02 -5.25
CA LYS A 232 -17.40 15.58 -6.59
C LYS A 232 -18.78 15.34 -7.22
N CYS A 233 -19.29 14.12 -7.04
CA CYS A 233 -20.62 13.76 -7.53
C CYS A 233 -21.69 14.56 -6.80
N LYS A 234 -21.45 14.86 -5.54
CA LYS A 234 -22.38 15.67 -4.74
C LYS A 234 -22.50 17.09 -5.25
N ASN A 235 -21.47 17.55 -5.98
CA ASN A 235 -21.40 18.92 -6.47
C ASN A 235 -21.45 19.93 -5.33
N VAL A 236 -20.98 19.51 -4.16
CA VAL A 236 -21.06 20.32 -2.94
C VAL A 236 -19.97 21.39 -2.89
N VAL A 237 -18.72 20.97 -3.00
CA VAL A 237 -17.59 21.89 -2.93
C VAL A 237 -16.99 22.07 -4.32
N PRO A 238 -16.77 23.33 -4.71
CA PRO A 238 -16.12 23.65 -6.00
C PRO A 238 -14.71 23.09 -6.06
N LEU A 239 -14.49 22.09 -6.91
CA LEU A 239 -13.15 21.57 -7.14
C LEU A 239 -12.44 22.44 -8.16
N SER A 240 -11.14 22.65 -7.97
CA SER A 240 -10.37 23.37 -8.97
C SER A 240 -10.07 22.45 -10.14
N ASP A 241 -9.77 23.04 -11.29
CA ASP A 241 -9.48 22.27 -12.49
C ASP A 241 -8.30 21.32 -12.26
N LEU A 242 -7.30 21.78 -11.53
CA LEU A 242 -6.13 20.95 -11.21
C LEU A 242 -6.53 19.74 -10.39
N LEU A 243 -7.31 19.96 -9.34
CA LEU A 243 -7.78 18.87 -8.49
C LEU A 243 -8.66 17.90 -9.29
N LEU A 244 -9.44 18.44 -10.21
CA LEU A 244 -10.30 17.61 -11.06
C LEU A 244 -9.47 16.69 -11.94
N GLU A 245 -8.39 17.22 -12.50
CA GLU A 245 -7.54 16.42 -13.37
C GLU A 245 -6.75 15.37 -12.57
N MET A 246 -6.31 15.74 -11.38
CA MET A 246 -5.59 14.80 -10.51
C MET A 246 -6.52 13.68 -10.04
N LEU A 247 -7.79 14.03 -9.85
CA LEU A 247 -8.79 13.08 -9.38
C LEU A 247 -9.22 12.15 -10.50
N ASP A 248 -9.51 12.71 -11.68
CA ASP A 248 -9.97 11.93 -12.82
C ASP A 248 -8.90 10.94 -13.30
N ALA A 249 -7.64 11.23 -12.99
CA ALA A 249 -6.53 10.35 -13.36
C ALA A 249 -6.68 8.98 -12.70
N HIS A 250 -7.34 8.95 -11.54
CA HIS A 250 -7.62 7.71 -10.85
C HIS A 250 -8.93 7.07 -11.32
N ARG A 251 -9.69 7.81 -12.13
CA ARG A 251 -10.96 7.29 -12.63
C ARG A 251 -10.74 6.36 -13.83
N SER B 8 3.77 -17.48 23.33
CA SER B 8 3.63 -17.64 21.88
C SER B 8 4.76 -18.48 21.30
N LEU B 9 4.40 -19.43 20.45
CA LEU B 9 5.39 -20.31 19.82
C LEU B 9 6.10 -19.60 18.68
N ALA B 10 5.43 -18.60 18.11
CA ALA B 10 5.96 -17.87 16.97
C ALA B 10 7.25 -17.12 17.31
N LEU B 11 7.25 -16.43 18.44
CA LEU B 11 8.39 -15.61 18.83
C LEU B 11 9.61 -16.44 19.22
N SER B 12 9.39 -17.73 19.44
CA SER B 12 10.48 -18.62 19.85
C SER B 12 11.07 -19.38 18.68
N LEU B 13 10.48 -19.22 17.51
CA LEU B 13 10.93 -19.91 16.30
C LEU B 13 12.21 -19.31 15.74
N THR B 14 13.08 -20.17 15.23
CA THR B 14 14.25 -19.71 14.51
C THR B 14 13.82 -19.28 13.11
N ALA B 15 14.71 -18.60 12.40
CA ALA B 15 14.44 -18.15 11.04
C ALA B 15 14.15 -19.34 10.11
N ASP B 16 14.91 -20.41 10.26
CA ASP B 16 14.74 -21.58 9.41
C ASP B 16 13.45 -22.32 9.74
N GLN B 17 13.09 -22.36 11.02
CA GLN B 17 11.86 -22.99 11.45
C GLN B 17 10.66 -22.17 10.99
N MET B 18 10.80 -20.85 11.02
CA MET B 18 9.77 -19.94 10.54
C MET B 18 9.48 -20.21 9.06
N VAL B 19 10.54 -20.36 8.27
CA VAL B 19 10.39 -20.67 6.85
C VAL B 19 9.71 -22.02 6.63
N SER B 20 10.18 -23.04 7.35
CA SER B 20 9.62 -24.38 7.23
C SER B 20 8.15 -24.39 7.61
N ALA B 21 7.82 -23.65 8.66
CA ALA B 21 6.43 -23.53 9.10
C ALA B 21 5.57 -22.91 8.00
N LEU B 22 6.06 -21.83 7.40
CA LEU B 22 5.30 -21.14 6.35
C LEU B 22 5.16 -21.99 5.09
N LEU B 23 6.24 -22.64 4.70
CA LEU B 23 6.22 -23.53 3.54
C LEU B 23 5.18 -24.64 3.70
N ASP B 24 5.18 -25.27 4.87
CA ASP B 24 4.23 -26.35 5.18
C ASP B 24 2.77 -25.88 5.19
N ALA B 25 2.57 -24.60 5.52
CA ALA B 25 1.24 -24.05 5.63
C ALA B 25 0.66 -23.64 4.28
N GLU B 26 1.48 -23.73 3.24
CA GLU B 26 1.08 -23.32 1.90
C GLU B 26 -0.16 -24.05 1.41
N PRO B 27 -1.17 -23.27 0.96
CA PRO B 27 -2.38 -23.84 0.37
C PRO B 27 -2.09 -24.45 -1.00
N PRO B 28 -2.96 -25.34 -1.47
CA PRO B 28 -2.74 -25.93 -2.80
C PRO B 28 -3.15 -24.99 -3.92
N ILE B 29 -2.66 -25.27 -5.12
CA ILE B 29 -3.11 -24.57 -6.30
C ILE B 29 -4.38 -25.24 -6.81
N LEU B 30 -5.50 -24.52 -6.78
CA LEU B 30 -6.78 -25.08 -7.18
C LEU B 30 -7.02 -24.95 -8.69
N TYR B 31 -7.91 -25.79 -9.21
CA TYR B 31 -8.31 -25.71 -10.60
C TYR B 31 -9.60 -24.92 -10.76
N SER B 32 -9.80 -24.35 -11.95
CA SER B 32 -11.04 -23.66 -12.27
C SER B 32 -11.96 -24.59 -13.05
N GLU B 33 -13.13 -24.07 -13.43
CA GLU B 33 -14.08 -24.84 -14.22
C GLU B 33 -13.96 -24.51 -15.71
N TYR B 34 -12.88 -23.81 -16.08
CA TYR B 34 -12.67 -23.41 -17.46
C TYR B 34 -12.69 -24.59 -18.42
N ASP B 35 -13.42 -24.42 -19.52
CA ASP B 35 -13.51 -25.43 -20.56
C ASP B 35 -13.38 -24.74 -21.92
N PRO B 36 -12.30 -25.04 -22.66
CA PRO B 36 -11.98 -24.45 -23.95
C PRO B 36 -13.12 -24.59 -24.96
N THR B 37 -13.87 -25.68 -24.87
CA THR B 37 -14.96 -25.95 -25.79
C THR B 37 -16.18 -25.11 -25.44
N ARG B 38 -16.19 -24.57 -24.22
CA ARG B 38 -17.32 -23.77 -23.76
C ARG B 38 -17.09 -22.29 -24.02
N PRO B 39 -18.09 -21.61 -24.60
CA PRO B 39 -17.97 -20.17 -24.82
C PRO B 39 -18.07 -19.38 -23.53
N PHE B 40 -17.37 -18.26 -23.44
CA PHE B 40 -17.40 -17.44 -22.25
C PHE B 40 -17.63 -15.97 -22.55
N SER B 41 -18.58 -15.37 -21.83
CA SER B 41 -18.80 -13.93 -21.90
C SER B 41 -17.94 -13.25 -20.84
N GLU B 42 -18.08 -11.93 -20.73
CA GLU B 42 -17.38 -11.18 -19.68
C GLU B 42 -17.94 -11.60 -18.32
N ALA B 43 -19.23 -11.91 -18.30
CA ALA B 43 -19.89 -12.39 -17.10
C ALA B 43 -19.41 -13.79 -16.72
N SER B 44 -19.30 -14.65 -17.72
CA SER B 44 -18.92 -16.04 -17.50
C SER B 44 -17.51 -16.18 -16.97
N MET B 45 -16.63 -15.30 -17.43
CA MET B 45 -15.25 -15.30 -16.99
C MET B 45 -15.15 -14.89 -15.53
N MET B 46 -15.90 -13.85 -15.16
CA MET B 46 -15.95 -13.39 -13.78
C MET B 46 -16.51 -14.49 -12.88
N GLY B 47 -17.46 -15.25 -13.41
CA GLY B 47 -18.01 -16.39 -12.70
C GLY B 47 -16.97 -17.42 -12.36
N LEU B 48 -16.08 -17.71 -13.31
CA LEU B 48 -14.98 -18.65 -13.07
C LEU B 48 -14.04 -18.12 -11.98
N LEU B 49 -13.67 -16.85 -12.09
CA LEU B 49 -12.77 -16.24 -11.13
C LEU B 49 -13.40 -16.16 -9.74
N THR B 50 -14.70 -15.84 -9.69
CA THR B 50 -15.44 -15.79 -8.43
C THR B 50 -15.48 -17.16 -7.77
N ASN B 51 -15.92 -18.17 -8.53
CA ASN B 51 -15.96 -19.55 -8.06
C ASN B 51 -14.60 -20.03 -7.57
N LEU B 52 -13.55 -19.71 -8.32
CA LEU B 52 -12.20 -20.11 -7.95
C LEU B 52 -11.76 -19.44 -6.65
N ALA B 53 -11.95 -18.13 -6.57
CA ALA B 53 -11.55 -17.36 -5.40
C ALA B 53 -12.29 -17.83 -4.15
N ASP B 54 -13.56 -18.17 -4.33
CA ASP B 54 -14.39 -18.63 -3.22
C ASP B 54 -13.83 -19.92 -2.61
N ARG B 55 -13.43 -20.86 -3.45
CA ARG B 55 -12.84 -22.10 -2.96
C ARG B 55 -11.43 -21.86 -2.40
N GLU B 56 -10.74 -20.84 -2.92
CA GLU B 56 -9.41 -20.50 -2.40
C GLU B 56 -9.49 -19.91 -0.99
N LEU B 57 -10.58 -19.20 -0.70
CA LEU B 57 -10.79 -18.56 0.59
C LEU B 57 -10.79 -19.58 1.73
N VAL B 58 -11.48 -20.70 1.53
CA VAL B 58 -11.57 -21.73 2.56
C VAL B 58 -10.18 -22.28 2.87
N HIS B 59 -9.35 -22.40 1.84
CA HIS B 59 -7.96 -22.82 2.05
C HIS B 59 -7.15 -21.72 2.73
N MET B 60 -7.42 -20.47 2.38
CA MET B 60 -6.69 -19.35 2.96
C MET B 60 -6.93 -19.22 4.46
N ILE B 61 -8.18 -19.42 4.86
CA ILE B 61 -8.56 -19.32 6.27
C ILE B 61 -7.78 -20.35 7.09
N ASN B 62 -7.70 -21.58 6.60
CA ASN B 62 -6.96 -22.63 7.29
C ASN B 62 -5.46 -22.44 7.16
N TRP B 63 -5.02 -21.76 6.10
CA TRP B 63 -3.62 -21.38 5.99
C TRP B 63 -3.24 -20.36 7.06
N ALA B 64 -4.12 -19.38 7.28
CA ALA B 64 -3.87 -18.31 8.23
C ALA B 64 -3.68 -18.86 9.64
N LYS B 65 -4.42 -19.91 9.98
CA LYS B 65 -4.32 -20.55 11.28
C LYS B 65 -2.93 -21.14 11.51
N ARG B 66 -2.25 -21.48 10.42
CA ARG B 66 -0.93 -22.10 10.53
C ARG B 66 0.18 -21.07 10.36
N VAL B 67 -0.20 -19.80 10.23
CA VAL B 67 0.77 -18.72 10.24
C VAL B 67 1.13 -18.37 11.67
N PRO B 68 2.41 -18.54 12.03
CA PRO B 68 2.91 -18.31 13.38
C PRO B 68 2.49 -16.96 13.96
N GLY B 69 1.82 -17.00 15.11
CA GLY B 69 1.37 -15.79 15.78
C GLY B 69 -0.08 -15.45 15.55
N PHE B 70 -0.66 -15.96 14.46
CA PHE B 70 -2.02 -15.59 14.06
C PHE B 70 -3.08 -16.13 15.02
N VAL B 71 -2.91 -17.38 15.44
CA VAL B 71 -3.86 -18.04 16.33
C VAL B 71 -3.84 -17.40 17.72
N ASP B 72 -2.69 -16.83 18.09
CA ASP B 72 -2.53 -16.15 19.38
C ASP B 72 -3.46 -14.95 19.53
N LEU B 73 -4.02 -14.47 18.42
CA LEU B 73 -4.90 -13.32 18.43
C LEU B 73 -6.34 -13.70 18.73
N THR B 74 -7.14 -12.74 19.18
CA THR B 74 -8.56 -12.97 19.41
C THR B 74 -9.26 -13.27 18.09
N LEU B 75 -10.42 -13.90 18.18
CA LEU B 75 -11.17 -14.30 17.00
C LEU B 75 -11.57 -13.09 16.16
N HIS B 76 -12.01 -12.02 16.83
CA HIS B 76 -12.41 -10.80 16.16
C HIS B 76 -11.25 -10.13 15.41
N ASP B 77 -10.05 -10.25 15.96
CA ASP B 77 -8.87 -9.69 15.33
C ASP B 77 -8.40 -10.57 14.16
N GLN B 78 -8.63 -11.87 14.28
CA GLN B 78 -8.35 -12.78 13.18
C GLN B 78 -9.30 -12.50 12.03
N VAL B 79 -10.57 -12.27 12.36
CA VAL B 79 -11.58 -11.91 11.36
C VAL B 79 -11.21 -10.63 10.64
N HIS B 80 -10.85 -9.60 11.40
CA HIS B 80 -10.52 -8.29 10.83
C HIS B 80 -9.36 -8.37 9.84
N LEU B 81 -8.29 -9.06 10.23
CA LEU B 81 -7.11 -9.19 9.40
C LEU B 81 -7.40 -9.92 8.09
N LEU B 82 -8.23 -10.96 8.15
CA LEU B 82 -8.58 -11.69 6.93
C LEU B 82 -9.50 -10.85 6.04
N GLU B 83 -10.45 -10.17 6.65
CA GLU B 83 -11.36 -9.31 5.90
C GLU B 83 -10.58 -8.25 5.14
N CYS B 84 -9.56 -7.70 5.80
CA CYS B 84 -8.77 -6.64 5.20
C CYS B 84 -7.84 -7.14 4.09
N ALA B 85 -7.29 -8.34 4.26
CA ALA B 85 -6.17 -8.78 3.42
C ALA B 85 -6.51 -9.85 2.38
N TRP B 86 -7.74 -10.36 2.36
CA TRP B 86 -8.05 -11.54 1.56
C TRP B 86 -7.74 -11.38 0.07
N LEU B 87 -8.14 -10.26 -0.52
CA LEU B 87 -7.91 -10.04 -1.95
C LEU B 87 -6.43 -9.82 -2.22
N GLU B 88 -5.74 -9.14 -1.30
CA GLU B 88 -4.29 -8.97 -1.39
C GLU B 88 -3.57 -10.32 -1.46
N ILE B 89 -3.99 -11.23 -0.60
CA ILE B 89 -3.36 -12.54 -0.49
C ILE B 89 -3.65 -13.39 -1.73
N LEU B 90 -4.88 -13.30 -2.23
CA LEU B 90 -5.22 -13.97 -3.48
C LEU B 90 -4.36 -13.47 -4.62
N MET B 91 -4.20 -12.15 -4.71
CA MET B 91 -3.48 -11.53 -5.80
C MET B 91 -1.99 -11.82 -5.79
N ILE B 92 -1.37 -11.84 -4.61
CA ILE B 92 0.06 -12.12 -4.53
C ILE B 92 0.30 -13.61 -4.85
N GLY B 93 -0.69 -14.44 -4.54
CA GLY B 93 -0.65 -15.84 -4.94
C GLY B 93 -0.72 -15.95 -6.45
N LEU B 94 -1.68 -15.24 -7.04
CA LEU B 94 -1.87 -15.20 -8.49
C LEU B 94 -0.62 -14.72 -9.21
N VAL B 95 0.01 -13.67 -8.68
CA VAL B 95 1.20 -13.10 -9.27
C VAL B 95 2.39 -14.07 -9.15
N TRP B 96 2.49 -14.72 -8.01
CA TRP B 96 3.54 -15.73 -7.79
C TRP B 96 3.39 -16.90 -8.79
N ARG B 97 2.17 -17.35 -8.99
CA ARG B 97 1.91 -18.47 -9.92
C ARG B 97 2.19 -18.08 -11.36
N SER B 98 2.13 -16.78 -11.64
CA SER B 98 2.21 -16.29 -13.01
C SER B 98 3.62 -15.85 -13.43
N MET B 99 4.58 -16.03 -12.52
CA MET B 99 5.96 -15.60 -12.77
C MET B 99 6.57 -16.17 -14.05
N GLU B 100 6.47 -17.48 -14.22
CA GLU B 100 7.10 -18.15 -15.35
C GLU B 100 6.24 -18.08 -16.61
N HIS B 101 5.27 -17.17 -16.62
CA HIS B 101 4.40 -16.99 -17.78
C HIS B 101 4.26 -15.51 -18.14
N PRO B 102 5.27 -14.96 -18.82
CA PRO B 102 5.30 -13.53 -19.19
C PRO B 102 4.09 -13.13 -20.02
N GLY B 103 3.41 -12.06 -19.61
CA GLY B 103 2.28 -11.54 -20.34
C GLY B 103 1.00 -12.32 -20.08
N LYS B 104 1.07 -13.25 -19.13
CA LYS B 104 -0.08 -14.08 -18.78
C LYS B 104 -0.30 -14.13 -17.28
N LEU B 105 -1.54 -14.40 -16.89
CA LEU B 105 -1.88 -14.63 -15.49
C LEU B 105 -2.39 -16.05 -15.33
N LEU B 106 -1.74 -16.81 -14.45
CA LEU B 106 -2.14 -18.20 -14.20
C LEU B 106 -3.10 -18.27 -13.03
N PHE B 107 -4.38 -17.99 -13.29
CA PHE B 107 -5.40 -18.10 -12.25
C PHE B 107 -5.49 -19.55 -11.77
N ALA B 108 -5.35 -20.47 -12.71
CA ALA B 108 -5.37 -21.90 -12.43
C ALA B 108 -4.54 -22.59 -13.50
N PRO B 109 -4.05 -23.82 -13.21
CA PRO B 109 -3.28 -24.57 -14.20
C PRO B 109 -4.02 -24.78 -15.51
N ASN B 110 -5.35 -24.71 -15.47
CA ASN B 110 -6.15 -24.87 -16.68
C ASN B 110 -6.76 -23.54 -17.13
N LEU B 111 -6.32 -22.45 -16.51
CA LEU B 111 -6.83 -21.13 -16.84
C LEU B 111 -5.72 -20.10 -16.94
N LEU B 112 -5.10 -20.01 -18.11
CA LEU B 112 -4.12 -18.96 -18.36
C LEU B 112 -4.71 -17.86 -19.23
N LEU B 113 -4.84 -16.67 -18.66
CA LEU B 113 -5.41 -15.54 -19.37
C LEU B 113 -4.34 -14.48 -19.65
N ASP B 114 -4.42 -13.86 -20.83
CA ASP B 114 -3.58 -12.71 -21.13
C ASP B 114 -4.40 -11.42 -21.04
N ARG B 115 -3.96 -10.38 -21.74
CA ARG B 115 -4.55 -9.03 -21.68
C ARG B 115 -5.95 -8.91 -22.29
N ASN B 116 -6.67 -10.03 -22.37
CA ASN B 116 -7.92 -10.08 -23.12
C ASN B 116 -9.18 -10.36 -22.30
N GLN B 117 -9.98 -9.29 -22.11
CA GLN B 117 -11.37 -9.29 -21.57
C GLN B 117 -11.52 -8.00 -20.78
N GLY B 118 -12.47 -7.17 -21.19
CA GLY B 118 -12.64 -5.86 -20.61
C GLY B 118 -13.62 -5.84 -19.46
N MET B 124 -10.96 -3.38 -15.35
CA MET B 124 -10.79 -4.81 -15.57
C MET B 124 -9.40 -5.09 -16.15
N VAL B 125 -9.20 -4.71 -17.41
CA VAL B 125 -7.91 -4.88 -18.07
C VAL B 125 -6.80 -4.07 -17.40
N GLU B 126 -7.17 -2.95 -16.78
CA GLU B 126 -6.21 -2.11 -16.06
C GLU B 126 -5.61 -2.86 -14.88
N ILE B 127 -6.47 -3.55 -14.14
CA ILE B 127 -6.02 -4.36 -13.02
C ILE B 127 -5.14 -5.50 -13.52
N PHE B 128 -5.52 -6.09 -14.66
CA PHE B 128 -4.72 -7.13 -15.29
C PHE B 128 -3.31 -6.65 -15.58
N ASP B 129 -3.20 -5.46 -16.17
CA ASP B 129 -1.90 -4.89 -16.51
C ASP B 129 -1.06 -4.64 -15.27
N MET B 130 -1.73 -4.27 -14.19
CA MET B 130 -1.06 -4.05 -12.91
C MET B 130 -0.54 -5.36 -12.33
N LEU B 131 -1.38 -6.40 -12.40
CA LEU B 131 -0.98 -7.73 -11.94
C LEU B 131 0.17 -8.27 -12.80
N LEU B 132 0.08 -8.04 -14.11
CA LEU B 132 1.13 -8.47 -15.04
C LEU B 132 2.47 -7.78 -14.74
N ALA B 133 2.40 -6.50 -14.43
CA ALA B 133 3.60 -5.74 -14.10
C ALA B 133 4.25 -6.26 -12.83
N THR B 134 3.42 -6.57 -11.84
CA THR B 134 3.90 -7.11 -10.56
C THR B 134 4.59 -8.45 -10.79
N SER B 135 4.00 -9.29 -11.63
CA SER B 135 4.61 -10.57 -11.98
C SER B 135 5.93 -10.36 -12.68
N SER B 136 5.97 -9.38 -13.58
CA SER B 136 7.19 -9.00 -14.25
C SER B 136 8.24 -8.59 -13.23
N ARG B 137 7.81 -7.90 -12.18
CA ARG B 137 8.71 -7.46 -11.12
C ARG B 137 9.27 -8.65 -10.35
N PHE B 138 8.40 -9.59 -10.00
CA PHE B 138 8.81 -10.82 -9.31
C PHE B 138 9.85 -11.59 -10.13
N ARG B 139 9.62 -11.65 -11.43
CA ARG B 139 10.50 -12.38 -12.34
C ARG B 139 11.88 -11.71 -12.42
N MET B 140 11.89 -10.40 -12.59
CA MET B 140 13.15 -9.66 -12.71
C MET B 140 13.96 -9.71 -11.41
N MET B 141 13.27 -9.73 -10.28
CA MET B 141 13.91 -9.85 -8.99
C MET B 141 14.36 -11.26 -8.68
N ASN B 142 13.85 -12.22 -9.46
CA ASN B 142 14.06 -13.63 -9.19
C ASN B 142 13.58 -13.98 -7.78
N LEU B 143 12.34 -13.62 -7.50
CA LEU B 143 11.74 -13.86 -6.19
C LEU B 143 11.73 -15.34 -5.82
N GLN B 144 12.15 -15.64 -4.60
CA GLN B 144 12.23 -17.03 -4.13
C GLN B 144 10.96 -17.43 -3.38
N GLY B 145 10.70 -18.72 -3.33
CA GLY B 145 9.51 -19.23 -2.66
C GLY B 145 9.50 -18.89 -1.18
N GLU B 146 10.69 -18.91 -0.57
CA GLU B 146 10.82 -18.58 0.85
C GLU B 146 10.52 -17.11 1.10
N GLU B 147 10.91 -16.25 0.16
CA GLU B 147 10.61 -14.84 0.25
C GLU B 147 9.12 -14.59 0.05
N PHE B 148 8.52 -15.36 -0.85
CA PHE B 148 7.10 -15.22 -1.15
C PHE B 148 6.22 -15.53 0.05
N VAL B 149 6.51 -16.63 0.75
CA VAL B 149 5.69 -17.03 1.89
C VAL B 149 5.87 -16.05 3.05
N CYS B 150 7.04 -15.43 3.13
CA CYS B 150 7.27 -14.36 4.09
C CYS B 150 6.44 -13.12 3.76
N LEU B 151 6.42 -12.74 2.48
CA LEU B 151 5.65 -11.57 2.04
C LEU B 151 4.15 -11.74 2.28
N LYS B 152 3.65 -12.93 1.96
CA LYS B 152 2.23 -13.24 2.11
C LYS B 152 1.80 -13.22 3.58
N SER B 153 2.68 -13.69 4.46
CA SER B 153 2.40 -13.66 5.89
C SER B 153 2.46 -12.24 6.44
N ILE B 154 3.35 -11.42 5.88
CA ILE B 154 3.43 -10.03 6.29
C ILE B 154 2.14 -9.30 5.93
N ILE B 155 1.64 -9.55 4.72
CA ILE B 155 0.39 -8.94 4.26
C ILE B 155 -0.77 -9.24 5.20
N LEU B 156 -0.88 -10.51 5.58
CA LEU B 156 -1.94 -10.96 6.48
C LEU B 156 -1.97 -10.18 7.79
N LEU B 157 -0.78 -9.97 8.37
CA LEU B 157 -0.66 -9.32 9.66
C LEU B 157 -0.65 -7.80 9.57
N ASN B 158 -0.13 -7.28 8.45
CA ASN B 158 0.07 -5.83 8.33
C ASN B 158 -1.12 -5.06 7.79
N SER B 159 -1.86 -5.67 6.86
CA SER B 159 -2.85 -4.92 6.07
C SER B 159 -4.02 -4.38 6.89
N GLY B 160 -4.22 -4.91 8.10
CA GLY B 160 -5.31 -4.45 8.93
C GLY B 160 -4.89 -4.10 10.36
N VAL B 161 -3.59 -3.89 10.56
CA VAL B 161 -3.07 -3.63 11.91
C VAL B 161 -3.46 -2.24 12.42
N TYR B 162 -3.74 -1.33 11.50
CA TYR B 162 -4.15 0.02 11.88
C TYR B 162 -5.61 0.27 11.49
N LEU B 169 -10.18 1.31 22.84
CA LEU B 169 -10.42 -0.04 22.37
C LEU B 169 -10.25 -1.05 23.49
N LYS B 170 -9.03 -1.13 24.01
CA LYS B 170 -8.75 -0.86 25.40
C LYS B 170 -7.40 -1.38 25.85
N SER B 171 -7.16 -2.68 25.84
CA SER B 171 -6.05 -3.22 25.09
C SER B 171 -6.25 -4.71 24.92
N LEU B 172 -6.06 -5.29 23.73
CA LEU B 172 -5.57 -4.66 22.54
C LEU B 172 -4.16 -4.14 22.69
N GLU B 173 -3.37 -4.98 23.37
CA GLU B 173 -1.94 -5.08 23.21
C GLU B 173 -1.62 -6.19 22.21
N GLU B 174 -2.62 -6.57 21.45
CA GLU B 174 -2.44 -7.44 20.29
C GLU B 174 -1.54 -6.86 19.20
N LYS B 175 -1.64 -5.55 18.97
CA LYS B 175 -0.86 -4.85 17.96
C LYS B 175 0.62 -5.03 18.25
N ASP B 176 0.98 -5.01 19.52
CA ASP B 176 2.36 -5.26 19.95
C ASP B 176 2.80 -6.66 19.53
N HIS B 177 1.93 -7.64 19.74
CA HIS B 177 2.21 -9.02 19.36
C HIS B 177 2.41 -9.13 17.85
N ILE B 178 1.54 -8.49 17.09
CA ILE B 178 1.63 -8.49 15.63
C ILE B 178 2.93 -7.84 15.17
N HIS B 179 3.27 -6.70 15.78
CA HIS B 179 4.52 -6.01 15.47
C HIS B 179 5.73 -6.88 15.79
N ARG B 180 5.64 -7.66 16.87
CA ARG B 180 6.71 -8.58 17.23
C ARG B 180 6.90 -9.66 16.16
N VAL B 181 5.80 -10.25 15.71
CA VAL B 181 5.85 -11.27 14.67
C VAL B 181 6.38 -10.68 13.36
N LEU B 182 5.91 -9.48 13.03
CA LEU B 182 6.36 -8.79 11.84
C LEU B 182 7.87 -8.57 11.86
N ASP B 183 8.40 -8.18 13.02
CA ASP B 183 9.83 -8.05 13.20
C ASP B 183 10.53 -9.39 13.01
N LYS B 184 9.87 -10.47 13.42
CA LYS B 184 10.42 -11.81 13.29
C LYS B 184 10.55 -12.19 11.81
N ILE B 185 9.52 -11.86 11.04
CA ILE B 185 9.51 -12.19 9.60
C ILE B 185 10.52 -11.34 8.85
N THR B 186 10.76 -10.13 9.34
CA THR B 186 11.79 -9.26 8.79
C THR B 186 13.16 -9.92 8.94
N ASP B 187 13.45 -10.37 10.16
CA ASP B 187 14.70 -11.06 10.44
C ASP B 187 14.86 -12.28 9.54
N THR B 188 13.76 -12.99 9.31
CA THR B 188 13.77 -14.18 8.47
C THR B 188 14.16 -13.83 7.04
N LEU B 189 13.57 -12.77 6.51
CA LEU B 189 13.90 -12.29 5.16
C LEU B 189 15.38 -11.97 5.02
N ILE B 190 15.88 -11.10 5.90
CA ILE B 190 17.31 -10.77 5.95
C ILE B 190 18.17 -12.03 6.06
N HIS B 191 17.75 -12.94 6.93
CA HIS B 191 18.44 -14.22 7.09
C HIS B 191 18.51 -14.98 5.77
N LEU B 192 17.40 -15.02 5.06
CA LEU B 192 17.32 -15.70 3.77
C LEU B 192 18.27 -15.07 2.75
N MET B 193 18.28 -13.74 2.71
CA MET B 193 19.13 -13.00 1.79
C MET B 193 20.60 -13.17 2.15
N ALA B 194 20.90 -13.19 3.44
CA ALA B 194 22.27 -13.41 3.90
C ALA B 194 22.77 -14.78 3.48
N LYS B 195 21.93 -15.80 3.63
CA LYS B 195 22.31 -17.16 3.25
C LYS B 195 22.43 -17.27 1.73
N ALA B 196 21.72 -16.40 1.02
CA ALA B 196 21.78 -16.36 -0.44
C ALA B 196 23.09 -15.74 -0.93
N GLY B 197 23.89 -15.22 0.00
CA GLY B 197 25.20 -14.66 -0.35
C GLY B 197 25.21 -13.17 -0.67
N LEU B 198 24.11 -12.49 -0.38
CA LEU B 198 24.01 -11.06 -0.66
C LEU B 198 24.80 -10.23 0.35
N THR B 199 25.42 -9.16 -0.14
CA THR B 199 26.12 -8.22 0.74
C THR B 199 25.09 -7.47 1.59
N LEU B 200 25.56 -6.79 2.63
CA LEU B 200 24.69 -6.01 3.50
C LEU B 200 23.88 -4.97 2.73
N GLN B 201 24.52 -4.33 1.76
CA GLN B 201 23.85 -3.32 0.95
C GLN B 201 22.77 -3.96 0.08
N GLN B 202 23.10 -5.12 -0.50
CA GLN B 202 22.15 -5.85 -1.34
C GLN B 202 20.97 -6.37 -0.53
N GLN B 203 21.23 -6.74 0.72
CA GLN B 203 20.18 -7.22 1.61
C GLN B 203 19.16 -6.11 1.90
N HIS B 204 19.65 -4.94 2.29
CA HIS B 204 18.78 -3.81 2.59
C HIS B 204 18.00 -3.39 1.37
N GLN B 205 18.67 -3.40 0.22
CA GLN B 205 18.04 -3.00 -1.03
C GLN B 205 16.94 -3.97 -1.44
N ARG B 206 17.23 -5.27 -1.36
CA ARG B 206 16.25 -6.27 -1.74
C ARG B 206 15.08 -6.28 -0.77
N LEU B 207 15.37 -6.12 0.52
CA LEU B 207 14.32 -6.02 1.53
C LEU B 207 13.37 -4.88 1.20
N ALA B 208 13.93 -3.73 0.86
CA ALA B 208 13.13 -2.57 0.50
C ALA B 208 12.32 -2.83 -0.75
N GLN B 209 12.96 -3.42 -1.77
CA GLN B 209 12.28 -3.76 -3.02
C GLN B 209 11.08 -4.66 -2.76
N LEU B 210 11.26 -5.67 -1.92
CA LEU B 210 10.18 -6.61 -1.61
C LEU B 210 9.01 -5.93 -0.92
N LEU B 211 9.32 -5.03 0.01
CA LEU B 211 8.27 -4.42 0.81
C LEU B 211 7.51 -3.34 0.03
N LEU B 212 8.17 -2.70 -0.92
CA LEU B 212 7.49 -1.70 -1.75
C LEU B 212 6.46 -2.37 -2.67
N ILE B 213 6.65 -3.65 -2.96
CA ILE B 213 5.70 -4.38 -3.78
C ILE B 213 4.36 -4.55 -3.03
N LEU B 214 4.45 -4.64 -1.71
CA LEU B 214 3.24 -4.75 -0.89
C LEU B 214 2.34 -3.53 -1.06
N SER B 215 2.95 -2.39 -1.38
CA SER B 215 2.21 -1.17 -1.64
C SER B 215 1.39 -1.28 -2.92
N HIS B 216 2.00 -1.86 -3.95
CA HIS B 216 1.30 -2.10 -5.21
C HIS B 216 0.23 -3.17 -5.04
N ILE B 217 0.53 -4.18 -4.22
CA ILE B 217 -0.44 -5.23 -3.95
C ILE B 217 -1.65 -4.64 -3.23
N ARG B 218 -1.39 -3.75 -2.26
CA ARG B 218 -2.47 -3.06 -1.58
C ARG B 218 -3.33 -2.25 -2.56
N HIS B 219 -2.67 -1.58 -3.50
CA HIS B 219 -3.36 -0.75 -4.48
C HIS B 219 -4.25 -1.58 -5.39
N MET B 220 -3.71 -2.70 -5.87
CA MET B 220 -4.44 -3.59 -6.75
C MET B 220 -5.66 -4.18 -6.05
N SER B 221 -5.49 -4.49 -4.76
CA SER B 221 -6.61 -5.00 -3.97
C SER B 221 -7.73 -3.97 -3.87
N ASN B 222 -7.37 -2.73 -3.54
CA ASN B 222 -8.36 -1.67 -3.41
C ASN B 222 -9.08 -1.41 -4.72
N LYS B 223 -8.34 -1.46 -5.82
CA LYS B 223 -8.93 -1.28 -7.15
C LYS B 223 -9.83 -2.45 -7.50
N GLY B 224 -9.38 -3.65 -7.16
CA GLY B 224 -10.16 -4.85 -7.39
C GLY B 224 -11.44 -4.88 -6.59
N MET B 225 -11.36 -4.43 -5.34
CA MET B 225 -12.52 -4.40 -4.45
C MET B 225 -13.61 -3.49 -5.01
N GLU B 226 -13.20 -2.37 -5.61
CA GLU B 226 -14.13 -1.46 -6.26
C GLU B 226 -14.80 -2.12 -7.46
N HIS B 227 -14.01 -2.89 -8.20
CA HIS B 227 -14.50 -3.59 -9.39
C HIS B 227 -15.50 -4.68 -9.00
N LEU B 228 -15.19 -5.40 -7.94
CA LEU B 228 -16.06 -6.45 -7.45
C LEU B 228 -17.36 -5.88 -6.91
N TYR B 229 -17.28 -4.67 -6.36
CA TYR B 229 -18.46 -3.99 -5.86
C TYR B 229 -19.37 -3.58 -7.02
N SER B 230 -18.76 -3.22 -8.14
CA SER B 230 -19.51 -2.78 -9.32
C SER B 230 -20.36 -3.90 -9.90
N MET B 231 -19.77 -5.07 -10.07
CA MET B 231 -20.49 -6.17 -10.70
C MET B 231 -21.49 -6.80 -9.73
N LYS B 232 -21.31 -6.52 -8.44
CA LYS B 232 -22.29 -6.93 -7.44
C LYS B 232 -23.59 -6.18 -7.65
N CYS B 233 -23.49 -4.86 -7.74
CA CYS B 233 -24.66 -4.01 -7.94
C CYS B 233 -25.24 -4.19 -9.33
N LYS B 234 -24.41 -4.67 -10.25
CA LYS B 234 -24.85 -4.94 -11.61
C LYS B 234 -25.68 -6.21 -11.69
N ASN B 235 -25.68 -6.97 -10.59
CA ASN B 235 -26.42 -8.23 -10.48
C ASN B 235 -26.10 -9.18 -11.62
N VAL B 236 -24.84 -9.17 -12.05
CA VAL B 236 -24.41 -9.96 -13.19
C VAL B 236 -23.80 -11.29 -12.78
N VAL B 237 -22.92 -11.25 -11.79
CA VAL B 237 -22.20 -12.45 -11.37
C VAL B 237 -22.63 -12.90 -9.98
N PRO B 238 -23.04 -14.18 -9.86
CA PRO B 238 -23.43 -14.76 -8.57
C PRO B 238 -22.26 -14.80 -7.59
N LEU B 239 -22.21 -13.83 -6.69
CA LEU B 239 -21.19 -13.82 -5.64
C LEU B 239 -21.57 -14.77 -4.52
N SER B 240 -20.60 -15.51 -4.02
CA SER B 240 -20.84 -16.48 -2.97
C SER B 240 -21.14 -15.80 -1.64
N ASP B 241 -21.73 -16.54 -0.71
CA ASP B 241 -22.12 -15.99 0.59
C ASP B 241 -20.91 -15.42 1.35
N LEU B 242 -19.78 -16.12 1.28
CA LEU B 242 -18.57 -15.69 1.98
C LEU B 242 -17.95 -14.46 1.32
N LEU B 243 -17.88 -14.46 -0.01
CA LEU B 243 -17.34 -13.33 -0.75
C LEU B 243 -18.17 -12.07 -0.51
N LEU B 244 -19.47 -12.24 -0.36
CA LEU B 244 -20.36 -11.11 -0.06
C LEU B 244 -20.01 -10.52 1.31
N GLU B 245 -19.62 -11.37 2.24
CA GLU B 245 -19.21 -10.93 3.57
C GLU B 245 -17.87 -10.19 3.51
N MET B 246 -16.89 -10.82 2.87
CA MET B 246 -15.54 -10.24 2.77
C MET B 246 -15.58 -8.89 2.05
N LEU B 247 -16.38 -8.81 0.99
CA LEU B 247 -16.51 -7.59 0.23
C LEU B 247 -17.20 -6.49 1.04
N ASP B 248 -18.23 -6.87 1.78
CA ASP B 248 -19.01 -5.90 2.56
C ASP B 248 -18.17 -5.27 3.68
N ALA B 249 -17.13 -5.97 4.10
CA ALA B 249 -16.26 -5.47 5.16
C ALA B 249 -15.46 -4.25 4.71
N HIS B 250 -15.28 -4.13 3.40
CA HIS B 250 -14.55 -3.00 2.83
C HIS B 250 -15.48 -1.86 2.41
N ARG B 251 -16.78 -2.11 2.49
CA ARG B 251 -17.77 -1.11 2.10
C ARG B 251 -17.77 0.06 3.07
N LEU B 252 -17.49 1.26 2.56
CA LEU B 252 -17.40 2.46 3.39
C LEU B 252 -18.28 3.58 2.86
N HIS C 2 -4.87 17.92 -23.17
CA HIS C 2 -3.78 18.59 -22.48
C HIS C 2 -4.11 18.76 -21.00
N LYS C 3 -3.08 18.66 -20.16
CA LYS C 3 -3.27 18.71 -18.71
C LYS C 3 -2.61 19.95 -18.11
N ILE C 4 -3.18 20.44 -17.01
CA ILE C 4 -2.55 21.51 -16.23
C ILE C 4 -1.22 21.03 -15.68
N LEU C 5 -1.18 19.77 -15.27
CA LEU C 5 0.02 19.16 -14.73
C LEU C 5 1.18 19.22 -15.73
N HIS C 6 0.85 19.05 -17.01
CA HIS C 6 1.82 19.19 -18.09
C HIS C 6 2.49 20.56 -18.06
N ARG C 7 1.69 21.60 -17.85
CA ARG C 7 2.19 22.98 -17.83
C ARG C 7 3.05 23.24 -16.61
N LEU C 8 2.55 22.90 -15.43
CA LEU C 8 3.22 23.22 -14.17
C LEU C 8 4.57 22.53 -14.02
N LEU C 9 4.73 21.39 -14.67
CA LEU C 9 5.99 20.64 -14.59
C LEU C 9 7.10 21.26 -15.44
N GLN C 10 6.73 22.17 -16.34
CA GLN C 10 7.71 22.82 -17.21
C GLN C 10 8.31 24.08 -16.60
N ASP C 11 7.45 24.87 -15.95
CA ASP C 11 7.83 26.18 -15.44
C ASP C 11 9.07 26.17 -14.55
N LYS D 3 -21.43 -14.73 11.22
CA LYS D 3 -20.85 -14.66 9.89
C LYS D 3 -20.01 -15.88 9.57
N ILE D 4 -19.77 -16.12 8.28
CA ILE D 4 -19.10 -17.32 7.82
C ILE D 4 -17.63 -17.37 8.21
N LEU D 5 -16.95 -16.23 8.04
CA LEU D 5 -15.53 -16.16 8.31
C LEU D 5 -15.22 -16.45 9.77
N HIS D 6 -15.99 -15.84 10.67
CA HIS D 6 -15.83 -16.06 12.10
C HIS D 6 -16.09 -17.51 12.46
N ARG D 7 -16.97 -18.16 11.71
CA ARG D 7 -17.32 -19.55 11.96
C ARG D 7 -16.22 -20.50 11.52
N LEU D 8 -15.74 -20.30 10.29
CA LEU D 8 -14.71 -21.15 9.72
C LEU D 8 -13.41 -21.01 10.50
N LEU D 9 -13.14 -19.81 11.00
CA LEU D 9 -11.98 -19.57 11.84
C LEU D 9 -12.12 -20.27 13.19
N GLN D 10 -13.36 -20.52 13.59
CA GLN D 10 -13.65 -21.06 14.91
C GLN D 10 -13.68 -22.58 14.93
N ASP D 11 -13.99 -23.18 13.77
CA ASP D 11 -14.12 -24.62 13.67
C ASP D 11 -12.79 -25.34 13.88
N SER D 12 -12.86 -26.53 14.45
CA SER D 12 -11.67 -27.34 14.73
C SER D 12 -12.01 -28.81 14.90
O01 5K0 E . -2.41 18.28 3.52
C02 5K0 E . -3.60 17.62 3.10
C03 5K0 E . -3.64 16.23 3.05
C04 5K0 E . -4.82 15.57 2.64
C05 5K0 E . -5.98 16.29 2.29
C06 5K0 E . -7.30 15.62 1.82
C07 5K0 E . -8.02 16.36 0.66
C08 5K0 E . -7.39 16.48 -0.57
C09 5K0 E . -8.01 17.15 -1.64
C10 5K0 E . -9.27 17.72 -1.47
O11 5K0 E . -9.91 18.41 -2.54
C12 5K0 E . -9.91 17.62 -0.23
C13 5K0 E . -9.28 16.95 0.83
C14 5K0 E . -7.94 14.52 2.46
C15 5K0 E . -7.47 13.82 3.74
C16 5K0 E . -8.56 13.06 4.48
C17 5K0 E . -9.99 13.31 4.01
C18 5K0 E . -10.90 12.14 4.48
C19 5K0 E . -10.19 13.49 2.50
C20 5K0 E . -8.89 13.62 1.72
C21 5K0 E . -5.90 17.67 2.35
C22 5K0 E . -4.72 18.34 2.76
O01 5K0 F . -15.41 -12.69 -6.88
C02 5K0 F . -14.04 -12.54 -7.25
C03 5K0 F . -13.69 -12.45 -8.59
C04 5K0 F . -12.34 -12.31 -8.97
C05 5K0 F . -11.32 -12.26 -8.02
C06 5K0 F . -9.82 -12.10 -8.44
C07 5K0 F . -8.85 -13.26 -8.07
C08 5K0 F . -9.31 -14.58 -8.20
C09 5K0 F . -8.47 -15.67 -7.88
C10 5K0 F . -7.17 -15.46 -7.43
O11 5K0 F . -6.33 -16.56 -7.11
C12 5K0 F . -6.70 -14.14 -7.30
C13 5K0 F . -7.53 -13.05 -7.61
C14 5K0 F . -9.33 -10.89 -9.02
C15 5K0 F . -10.10 -9.57 -8.94
C16 5K0 F . -10.41 -8.95 -10.29
C17 5K0 F . -9.16 -8.72 -11.10
C18 5K0 F . -9.49 -8.18 -12.51
C19 5K0 F . -8.31 -9.99 -11.25
C20 5K0 F . -8.20 -10.90 -10.03
C21 5K0 F . -11.68 -12.35 -6.70
C22 5K0 F . -13.04 -12.50 -6.31
#